data_5DJM
#
_entry.id   5DJM
#
_cell.length_a   77.517
_cell.length_b   90.130
_cell.length_c   68.943
_cell.angle_alpha   90.000
_cell.angle_beta   97.850
_cell.angle_gamma   90.000
#
_symmetry.space_group_name_H-M   'C 1 2 1'
#
loop_
_entity.id
_entity.type
_entity.pdbx_description
1 polymer 'Glutathione S-transferase P'
2 non-polymer '2-(N-MORPHOLINO)-ETHANESULFONIC ACID'
3 non-polymer 'PLATINUM (II) ION'
4 water water
#
_entity_poly.entity_id   1
_entity_poly.type   'polypeptide(L)'
_entity_poly.pdbx_seq_one_letter_code
;MPPYTVVYFPVRGRCAALRMLLADQGQSWKEEVVTVETWQEGSLKASCLYGQLPKFQDGDLTLYQSNTILRHLGRTLGLY
GKDQQEAALVDMVNDGVEDLRCKYISLIYTNYEAGKDDYVKALPGQLKPFETLLSQNQGGKTFIVGDQISFADYNLLDLL
LIHEVLAPGCLDAFPLLSAYVGRLSARPKLKAFLASPEYVNLPINGNGKQ
;
_entity_poly.pdbx_strand_id   A,B
#
loop_
_chem_comp.id
_chem_comp.type
_chem_comp.name
_chem_comp.formula
MES non-polymer '2-(N-MORPHOLINO)-ETHANESULFONIC ACID' 'C6 H13 N O4 S'
PT non-polymer 'PLATINUM (II) ION' 'Pt 2'
#
# COMPACT_ATOMS: atom_id res chain seq x y z
N PRO A 2 -10.63 24.63 9.48
CA PRO A 2 -10.16 23.91 8.27
C PRO A 2 -10.89 22.59 8.10
N PRO A 3 -11.15 22.15 6.85
CA PRO A 3 -11.81 20.83 6.85
C PRO A 3 -10.84 19.66 7.13
N TYR A 4 -9.54 19.94 7.27
CA TYR A 4 -8.56 18.89 7.44
C TYR A 4 -7.98 18.91 8.83
N THR A 5 -7.92 17.72 9.41
CA THR A 5 -7.22 17.49 10.66
C THR A 5 -6.28 16.27 10.59
N VAL A 6 -5.06 16.46 11.05
CA VAL A 6 -4.09 15.39 11.15
C VAL A 6 -3.91 15.06 12.61
N VAL A 7 -4.15 13.81 12.99
CA VAL A 7 -3.99 13.38 14.37
C VAL A 7 -2.81 12.44 14.39
N TYR A 8 -1.74 12.83 15.08
CA TYR A 8 -0.50 12.01 15.06
C TYR A 8 0.40 12.31 16.25
N PHE A 9 1.37 11.44 16.44
CA PHE A 9 2.42 11.66 17.41
C PHE A 9 3.24 12.91 17.02
N PRO A 10 4.01 13.45 17.99
CA PRO A 10 4.78 14.66 17.66
C PRO A 10 6.05 14.27 16.90
N VAL A 11 5.83 13.72 15.69
CA VAL A 11 6.90 13.25 14.83
C VAL A 11 6.53 13.54 13.37
N ARG A 12 7.53 13.50 12.51
CA ARG A 12 7.30 13.66 11.07
C ARG A 12 6.71 12.35 10.58
N GLY A 13 7.47 11.26 10.75
CA GLY A 13 6.97 9.92 10.50
C GLY A 13 6.20 9.74 9.20
N ARG A 14 5.10 9.02 9.30
CA ARG A 14 4.20 8.77 8.19
C ARG A 14 3.34 9.96 7.78
N CYS A 15 3.39 11.06 8.52
CA CYS A 15 2.68 12.27 8.13
C CYS A 15 3.52 13.29 7.35
N ALA A 16 4.82 13.09 7.26
CA ALA A 16 5.67 14.07 6.61
C ALA A 16 5.23 14.36 5.16
N ALA A 17 4.96 13.31 4.39
CA ALA A 17 4.67 13.49 2.98
C ALA A 17 3.32 14.18 2.76
N LEU A 18 2.32 13.74 3.49
CA LEU A 18 1.00 14.31 3.29
C LEU A 18 0.98 15.78 3.75
N ARG A 19 1.76 16.09 4.76
CA ARG A 19 1.94 17.49 5.21
C ARG A 19 2.62 18.39 4.17
N MET A 20 3.68 17.87 3.56
CA MET A 20 4.33 18.53 2.43
C MET A 20 3.37 18.76 1.30
N LEU A 21 2.53 17.76 1.03
CA LEU A 21 1.56 17.87 -0.03
C LEU A 21 0.59 19.03 0.25
N LEU A 22 0.03 19.02 1.46
CA LEU A 22 -0.92 20.04 1.86
C LEU A 22 -0.27 21.43 1.83
N ALA A 23 0.91 21.55 2.42
CA ALA A 23 1.64 22.83 2.40
C ALA A 23 1.89 23.32 0.99
N ASP A 24 2.30 22.43 0.09
CA ASP A 24 2.69 22.82 -1.25
C ASP A 24 1.47 23.20 -2.09
N GLN A 25 0.31 22.62 -1.82
CA GLN A 25 -0.90 22.93 -2.61
C GLN A 25 -1.73 23.97 -1.86
N GLY A 26 -1.12 24.67 -0.91
CA GLY A 26 -1.75 25.84 -0.31
C GLY A 26 -2.95 25.55 0.57
N GLN A 27 -3.10 24.29 0.96
CA GLN A 27 -4.21 23.87 1.83
C GLN A 27 -4.01 24.19 3.29
N SER A 28 -5.11 24.49 3.97
CA SER A 28 -5.06 24.72 5.41
C SER A 28 -5.44 23.44 6.17
N TRP A 29 -4.76 23.16 7.28
CA TRP A 29 -5.17 22.03 8.10
C TRP A 29 -4.85 22.26 9.57
N LYS A 30 -5.48 21.48 10.45
CA LYS A 30 -5.19 21.48 11.87
C LYS A 30 -4.37 20.25 12.29
N GLU A 31 -3.46 20.45 13.23
CA GLU A 31 -2.65 19.37 13.79
C GLU A 31 -3.12 19.05 15.19
N GLU A 32 -3.43 17.77 15.42
CA GLU A 32 -3.82 17.30 16.74
C GLU A 32 -2.77 16.34 17.22
N VAL A 33 -2.14 16.67 18.33
CA VAL A 33 -1.00 15.92 18.80
C VAL A 33 -1.39 14.92 19.89
N VAL A 34 -0.86 13.71 19.74
CA VAL A 34 -1.11 12.62 20.65
C VAL A 34 0.17 12.33 21.43
N THR A 35 0.09 12.53 22.74
CA THR A 35 1.17 12.20 23.67
C THR A 35 1.09 10.72 24.04
N VAL A 36 2.26 10.10 24.27
CA VAL A 36 2.31 8.68 24.61
C VAL A 36 1.66 8.43 25.97
N SER A 47 -10.27 2.77 19.72
CA SER A 47 -10.79 3.94 19.02
C SER A 47 -10.42 3.90 17.53
N CYS A 48 -9.15 3.59 17.27
CA CYS A 48 -8.60 3.56 15.91
C CYS A 48 -8.84 2.22 15.21
N LEU A 49 -9.36 2.29 13.99
CA LEU A 49 -9.72 1.10 13.19
C LEU A 49 -8.66 -0.02 13.27
N TYR A 50 -7.39 0.36 13.12
CA TYR A 50 -6.28 -0.61 13.16
C TYR A 50 -5.34 -0.37 14.35
N GLY A 51 -5.83 0.39 15.33
CA GLY A 51 -5.08 0.67 16.54
C GLY A 51 -3.78 1.42 16.29
N GLN A 52 -3.79 2.31 15.28
CA GLN A 52 -2.61 3.10 14.95
C GLN A 52 -2.95 4.51 14.44
N LEU A 53 -1.99 5.43 14.56
CA LEU A 53 -2.06 6.72 13.89
C LEU A 53 -1.16 6.65 12.64
N PRO A 54 -1.32 7.57 11.67
CA PRO A 54 -2.19 8.75 11.65
C PRO A 54 -3.65 8.46 11.46
N LYS A 55 -4.43 9.34 12.08
CA LYS A 55 -5.85 9.48 11.81
C LYS A 55 -5.98 10.80 11.11
N PHE A 56 -6.87 10.89 10.15
CA PHE A 56 -6.99 12.08 9.32
C PHE A 56 -8.44 12.36 9.13
N GLN A 57 -8.86 13.58 9.39
CA GLN A 57 -10.24 13.96 9.19
C GLN A 57 -10.31 14.89 8.02
N ASP A 58 -11.28 14.63 7.16
CA ASP A 58 -11.63 15.51 6.05
C ASP A 58 -13.13 15.67 6.17
N GLY A 59 -13.57 16.77 6.80
CA GLY A 59 -14.97 16.87 7.20
C GLY A 59 -15.25 15.69 8.12
N ASP A 60 -16.32 14.96 7.88
CA ASP A 60 -16.73 13.85 8.75
C ASP A 60 -16.21 12.51 8.25
N LEU A 61 -15.34 12.54 7.25
CA LEU A 61 -14.65 11.35 6.77
C LEU A 61 -13.42 11.11 7.60
N THR A 62 -13.36 9.98 8.27
CA THR A 62 -12.18 9.63 9.08
C THR A 62 -11.37 8.53 8.40
N LEU A 63 -10.12 8.84 8.07
CA LEU A 63 -9.24 7.89 7.39
C LEU A 63 -8.10 7.52 8.33
N TYR A 64 -7.62 6.29 8.18
CA TYR A 64 -6.39 5.83 8.79
C TYR A 64 -5.56 5.33 7.61
N GLN A 65 -4.26 5.19 7.84
CA GLN A 65 -3.28 4.69 6.85
C GLN A 65 -2.75 5.87 6.04
N SER A 66 -1.47 6.16 6.21
CA SER A 66 -0.85 7.27 5.50
C SER A 66 -1.08 7.22 4.02
N ASN A 67 -0.97 6.04 3.40
CA ASN A 67 -1.18 5.95 1.94
C ASN A 67 -2.61 6.14 1.52
N THR A 68 -3.51 5.77 2.38
CA THR A 68 -4.90 6.06 2.10
C THR A 68 -5.09 7.57 2.03
N ILE A 69 -4.51 8.26 3.00
CA ILE A 69 -4.59 9.72 3.03
C ILE A 69 -3.96 10.35 1.81
N LEU A 70 -2.77 9.86 1.44
CA LEU A 70 -2.13 10.38 0.24
C LEU A 70 -2.95 10.21 -1.02
N ARG A 71 -3.51 9.01 -1.23
CA ARG A 71 -4.31 8.75 -2.41
C ARG A 71 -5.59 9.61 -2.41
N HIS A 72 -6.17 9.78 -1.23
CA HIS A 72 -7.39 10.57 -1.11
C HIS A 72 -7.13 12.03 -1.47
N LEU A 73 -6.04 12.58 -0.93
CA LEU A 73 -5.62 13.95 -1.30
C LEU A 73 -5.20 13.99 -2.76
N GLY A 74 -4.59 12.92 -3.24
CA GLY A 74 -4.21 12.82 -4.64
C GLY A 74 -5.39 12.88 -5.58
N ARG A 75 -6.48 12.23 -5.19
CA ARG A 75 -7.71 12.20 -5.98
C ARG A 75 -8.41 13.58 -5.85
N THR A 76 -8.56 14.10 -4.64
CA THR A 76 -9.37 15.32 -4.43
C THR A 76 -8.67 16.62 -4.82
N LEU A 77 -7.33 16.61 -4.92
CA LEU A 77 -6.56 17.81 -5.26
C LEU A 77 -5.94 17.72 -6.67
N GLY A 78 -6.28 16.68 -7.41
CA GLY A 78 -5.74 16.44 -8.76
C GLY A 78 -4.25 16.14 -8.90
N LEU A 79 -3.71 15.24 -8.07
CA LEU A 79 -2.28 14.86 -8.04
C LEU A 79 -2.12 13.36 -8.15
N TYR A 80 -2.75 12.78 -9.17
CA TYR A 80 -2.86 11.32 -9.35
C TYR A 80 -2.80 11.03 -10.83
N GLY A 81 -1.98 11.78 -11.54
CA GLY A 81 -1.84 11.56 -12.96
C GLY A 81 -2.93 12.22 -13.79
N LYS A 82 -2.64 12.30 -15.10
CA LYS A 82 -3.48 13.02 -16.04
C LYS A 82 -4.54 12.09 -16.62
N ASP A 83 -4.30 10.79 -16.50
CA ASP A 83 -5.23 9.78 -17.02
C ASP A 83 -5.09 8.49 -16.22
N GLN A 84 -5.79 7.45 -16.63
CA GLN A 84 -5.73 6.16 -15.91
C GLN A 84 -4.37 5.44 -15.99
N GLN A 85 -3.64 5.54 -17.11
CA GLN A 85 -2.33 4.89 -17.17
C GLN A 85 -1.33 5.57 -16.23
N GLU A 86 -1.29 6.91 -16.24
CA GLU A 86 -0.45 7.63 -15.28
C GLU A 86 -0.83 7.31 -13.86
N ALA A 87 -2.12 7.19 -13.56
CA ALA A 87 -2.53 6.87 -12.21
C ALA A 87 -1.95 5.54 -11.78
N ALA A 88 -1.96 4.54 -12.66
CA ALA A 88 -1.36 3.27 -12.29
C ALA A 88 0.15 3.41 -12.02
N LEU A 89 0.83 4.22 -12.82
CA LEU A 89 2.28 4.39 -12.65
C LEU A 89 2.58 5.14 -11.34
N VAL A 90 1.71 6.08 -11.00
CA VAL A 90 1.78 6.78 -9.70
C VAL A 90 1.66 5.77 -8.57
N ASP A 91 0.66 4.90 -8.66
CA ASP A 91 0.54 3.80 -7.68
C ASP A 91 1.81 2.92 -7.60
N MET A 92 2.33 2.54 -8.75
CA MET A 92 3.50 1.67 -8.77
C MET A 92 4.68 2.31 -8.04
N VAL A 93 4.87 3.61 -8.25
CA VAL A 93 5.89 4.36 -7.54
C VAL A 93 5.62 4.46 -6.05
N ASN A 94 4.40 4.82 -5.69
CA ASN A 94 4.10 4.91 -4.30
C ASN A 94 4.25 3.56 -3.59
N ASP A 95 3.81 2.49 -4.23
CA ASP A 95 3.93 1.14 -3.63
C ASP A 95 5.42 0.80 -3.44
N GLY A 96 6.27 1.15 -4.41
CA GLY A 96 7.70 0.99 -4.24
C GLY A 96 8.26 1.82 -3.11
N VAL A 97 7.80 3.06 -2.99
CA VAL A 97 8.25 3.92 -1.88
C VAL A 97 7.87 3.27 -0.56
N GLU A 98 6.61 2.83 -0.45
CA GLU A 98 6.15 2.19 0.78
C GLU A 98 6.82 0.87 1.11
N ASP A 99 7.19 0.09 0.10
CA ASP A 99 7.94 -1.14 0.36
C ASP A 99 9.24 -0.79 1.08
N LEU A 100 9.97 0.19 0.57
CA LEU A 100 11.23 0.58 1.18
C LEU A 100 11.00 1.23 2.56
N ARG A 101 9.91 1.98 2.71
CA ARG A 101 9.57 2.56 4.00
C ARG A 101 9.35 1.45 5.06
N CYS A 102 8.71 0.36 4.66
CA CYS A 102 8.43 -0.71 5.60
C CYS A 102 9.71 -1.33 6.19
N LYS A 103 10.73 -1.43 5.36
CA LYS A 103 12.05 -1.88 5.78
C LYS A 103 12.74 -0.83 6.64
N TYR A 104 12.67 0.40 6.20
CA TYR A 104 13.23 1.51 6.97
C TYR A 104 12.63 1.55 8.36
N ILE A 105 11.32 1.36 8.48
CA ILE A 105 10.68 1.52 9.77
C ILE A 105 11.13 0.37 10.67
N SER A 106 11.17 -0.83 10.09
CA SER A 106 11.62 -2.00 10.84
C SER A 106 13.02 -1.75 11.37
N LEU A 107 13.90 -1.24 10.52
CA LEU A 107 15.24 -0.86 10.95
C LEU A 107 15.17 0.05 12.18
N ILE A 108 14.74 1.30 11.97
CA ILE A 108 14.63 2.27 13.05
C ILE A 108 14.07 1.72 14.37
N TYR A 109 13.05 0.87 14.28
CA TYR A 109 12.32 0.49 15.50
C TYR A 109 12.64 -0.91 16.06
N THR A 110 13.32 -1.77 15.29
CA THR A 110 13.55 -3.14 15.76
C THR A 110 14.96 -3.67 15.57
N ASN A 111 15.84 -2.95 14.87
CA ASN A 111 17.17 -3.46 14.65
C ASN A 111 18.19 -2.42 14.19
N TYR A 112 18.15 -1.24 14.81
CA TYR A 112 18.95 -0.12 14.31
C TYR A 112 20.46 -0.37 14.38
N GLU A 113 20.96 -0.69 15.56
CA GLU A 113 22.40 -0.77 15.79
C GLU A 113 23.06 -1.94 15.04
N ALA A 114 22.34 -3.06 14.97
CA ALA A 114 22.84 -4.31 14.37
C ALA A 114 22.60 -4.38 12.86
N GLY A 115 21.52 -3.76 12.40
CA GLY A 115 21.12 -3.85 11.01
C GLY A 115 21.57 -2.71 10.10
N LYS A 116 21.94 -1.59 10.71
CA LYS A 116 22.13 -0.36 9.93
C LYS A 116 23.18 -0.49 8.83
N ASP A 117 24.23 -1.26 9.07
CA ASP A 117 25.29 -1.39 8.08
C ASP A 117 24.85 -2.30 6.93
N ASP A 118 24.08 -3.33 7.26
CA ASP A 118 23.49 -4.20 6.26
C ASP A 118 22.40 -3.48 5.45
N TYR A 119 21.61 -2.66 6.14
CA TYR A 119 20.59 -1.85 5.48
C TYR A 119 21.22 -0.84 4.50
N VAL A 120 22.26 -0.14 4.95
CA VAL A 120 22.87 0.88 4.12
C VAL A 120 23.58 0.22 2.92
N LYS A 121 24.06 -1.00 3.10
CA LYS A 121 24.73 -1.70 2.02
C LYS A 121 23.78 -1.84 0.85
N ALA A 122 22.58 -2.33 1.20
CA ALA A 122 21.54 -2.68 0.24
C ALA A 122 20.83 -1.45 -0.31
N LEU A 123 20.96 -0.31 0.37
CA LEU A 123 20.25 0.92 0.00
C LEU A 123 20.29 1.31 -1.50
N PRO A 124 21.52 1.38 -2.09
CA PRO A 124 21.66 1.89 -3.46
C PRO A 124 20.91 1.07 -4.51
N GLY A 125 20.84 -0.25 -4.30
CA GLY A 125 20.07 -1.11 -5.19
C GLY A 125 18.58 -0.90 -5.01
N GLN A 126 18.17 -0.49 -3.82
CA GLN A 126 16.76 -0.15 -3.62
C GLN A 126 16.38 1.27 -4.06
N LEU A 127 17.38 2.14 -4.16
CA LEU A 127 17.15 3.45 -4.72
C LEU A 127 17.20 3.49 -6.23
N LYS A 128 18.05 2.66 -6.84
CA LYS A 128 18.26 2.71 -8.28
C LYS A 128 16.97 2.65 -9.11
N PRO A 129 15.98 1.86 -8.67
CA PRO A 129 14.77 1.83 -9.49
C PRO A 129 14.13 3.21 -9.68
N PHE A 130 14.23 4.09 -8.68
CA PHE A 130 13.65 5.39 -8.82
C PHE A 130 14.49 6.27 -9.75
N GLU A 131 15.81 6.08 -9.71
CA GLU A 131 16.69 6.80 -10.64
C GLU A 131 16.28 6.39 -12.04
N THR A 132 16.09 5.10 -12.23
CA THR A 132 15.72 4.57 -13.54
C THR A 132 14.40 5.10 -14.03
N LEU A 133 13.39 5.17 -13.15
CA LEU A 133 12.13 5.77 -13.54
C LEU A 133 12.35 7.20 -14.00
N LEU A 134 13.11 7.97 -13.24
CA LEU A 134 13.32 9.35 -13.58
C LEU A 134 13.97 9.45 -14.96
N SER A 135 14.97 8.61 -15.21
CA SER A 135 15.74 8.68 -16.47
C SER A 135 14.87 8.42 -17.69
N GLN A 136 13.73 7.76 -17.47
CA GLN A 136 12.80 7.44 -18.55
C GLN A 136 11.68 8.47 -18.71
N ASN A 137 11.57 9.42 -17.78
CA ASN A 137 10.53 10.42 -17.89
C ASN A 137 11.10 11.80 -18.16
N GLN A 138 11.19 12.15 -19.45
CA GLN A 138 11.69 13.48 -19.87
C GLN A 138 13.04 13.80 -19.22
N GLY A 139 13.93 12.82 -19.15
CA GLY A 139 15.28 13.08 -18.70
C GLY A 139 15.44 13.36 -17.21
N GLY A 140 14.39 13.14 -16.43
CA GLY A 140 14.50 13.31 -14.98
C GLY A 140 14.28 14.73 -14.55
N LYS A 141 13.75 15.54 -15.45
CA LYS A 141 13.69 16.98 -15.28
C LYS A 141 12.37 17.51 -14.75
N THR A 142 11.34 16.66 -14.70
CA THR A 142 10.01 17.09 -14.26
C THR A 142 9.65 16.37 -12.96
N PHE A 143 8.76 15.37 -13.04
CA PHE A 143 8.33 14.63 -11.86
C PHE A 143 8.53 13.14 -12.04
N ILE A 144 8.16 12.36 -11.03
CA ILE A 144 8.49 10.94 -11.06
C ILE A 144 7.57 10.24 -12.07
N VAL A 145 6.39 10.81 -12.30
CA VAL A 145 5.45 10.32 -13.30
C VAL A 145 4.85 11.50 -14.03
N GLY A 146 4.93 11.45 -15.36
CA GLY A 146 4.33 12.49 -16.18
C GLY A 146 4.98 13.85 -16.01
N ASP A 147 4.26 14.88 -16.45
CA ASP A 147 4.83 16.23 -16.38
C ASP A 147 4.11 17.08 -15.35
N GLN A 148 3.34 16.43 -14.46
CA GLN A 148 2.71 17.10 -13.32
C GLN A 148 3.02 16.38 -11.98
N ILE A 149 3.14 17.16 -10.91
CA ILE A 149 3.47 16.60 -9.61
C ILE A 149 2.33 15.66 -9.18
N SER A 150 2.66 14.61 -8.43
CA SER A 150 1.66 13.68 -7.90
C SER A 150 1.94 13.42 -6.43
N PHE A 151 1.02 12.74 -5.75
CA PHE A 151 1.25 12.40 -4.37
C PHE A 151 2.48 11.54 -4.19
N ALA A 152 2.80 10.74 -5.20
CA ALA A 152 3.97 9.90 -5.15
C ALA A 152 5.23 10.73 -5.11
N ASP A 153 5.24 11.89 -5.76
CA ASP A 153 6.42 12.78 -5.64
C ASP A 153 6.66 13.23 -4.21
N TYR A 154 5.61 13.59 -3.47
CA TYR A 154 5.83 14.04 -2.11
C TYR A 154 6.32 12.87 -1.26
N ASN A 155 5.78 11.68 -1.48
CA ASN A 155 6.14 10.54 -0.67
C ASN A 155 7.61 10.15 -1.01
N LEU A 156 7.91 10.05 -2.30
CA LEU A 156 9.31 9.75 -2.71
C LEU A 156 10.24 10.79 -2.14
N LEU A 157 9.90 12.08 -2.27
CA LEU A 157 10.72 13.16 -1.68
C LEU A 157 11.02 12.94 -0.21
N ASP A 158 9.97 12.73 0.58
CA ASP A 158 10.17 12.36 1.97
C ASP A 158 11.12 11.19 2.15
N LEU A 159 10.91 10.12 1.42
CA LEU A 159 11.71 8.91 1.59
C LEU A 159 13.17 9.25 1.35
N LEU A 160 13.42 10.07 0.34
CA LEU A 160 14.78 10.41 -0.02
C LEU A 160 15.36 11.32 1.07
N LEU A 161 14.58 12.29 1.53
CA LEU A 161 15.05 13.18 2.59
C LEU A 161 15.41 12.42 3.86
N ILE A 162 14.62 11.42 4.24
CA ILE A 162 14.93 10.73 5.48
C ILE A 162 16.12 9.79 5.30
N HIS A 163 16.30 9.25 4.08
CA HIS A 163 17.46 8.40 3.82
C HIS A 163 18.76 9.20 3.75
N GLU A 164 18.68 10.45 3.34
CA GLU A 164 19.86 11.28 3.31
C GLU A 164 20.37 11.53 4.74
N VAL A 165 19.45 11.56 5.69
CA VAL A 165 19.85 11.67 7.09
C VAL A 165 20.42 10.33 7.60
N LEU A 166 19.80 9.22 7.27
CA LEU A 166 20.30 7.89 7.69
C LEU A 166 21.67 7.56 7.09
N ALA A 167 21.86 7.92 5.83
CA ALA A 167 23.04 7.54 5.08
C ALA A 167 23.42 8.71 4.18
N PRO A 168 24.05 9.76 4.76
CA PRO A 168 24.36 10.97 3.98
C PRO A 168 25.22 10.59 2.79
N GLY A 169 25.08 11.34 1.70
CA GLY A 169 25.66 10.94 0.43
C GLY A 169 24.94 9.85 -0.35
N CYS A 170 23.90 9.21 0.20
CA CYS A 170 23.32 8.05 -0.48
C CYS A 170 22.76 8.38 -1.87
N LEU A 171 22.62 9.68 -2.16
CA LEU A 171 22.14 10.15 -3.47
C LEU A 171 23.28 10.58 -4.39
N ASP A 172 24.50 10.57 -3.89
CA ASP A 172 25.65 11.02 -4.71
C ASP A 172 25.79 10.13 -5.96
N ALA A 173 25.48 8.85 -5.81
CA ALA A 173 25.54 7.89 -6.89
C ALA A 173 24.42 8.02 -7.90
N PHE A 174 23.47 8.93 -7.64
CA PHE A 174 22.24 9.01 -8.42
C PHE A 174 21.90 10.45 -8.80
N PRO A 175 22.46 10.96 -9.92
CA PRO A 175 22.30 12.39 -10.24
C PRO A 175 20.87 12.90 -10.50
N LEU A 176 20.01 12.09 -11.06
CA LEU A 176 18.66 12.58 -11.37
C LEU A 176 17.87 12.69 -10.05
N LEU A 177 18.06 11.72 -9.15
CA LEU A 177 17.41 11.76 -7.83
C LEU A 177 17.90 12.96 -7.03
N SER A 178 19.23 13.18 -7.04
CA SER A 178 19.82 14.37 -6.38
C SER A 178 19.18 15.65 -6.86
N ALA A 179 19.17 15.86 -8.17
CA ALA A 179 18.63 17.10 -8.73
C ALA A 179 17.13 17.22 -8.49
N TYR A 180 16.45 16.08 -8.52
CA TYR A 180 15.00 16.00 -8.24
C TYR A 180 14.68 16.53 -6.83
N VAL A 181 15.41 16.04 -5.83
CA VAL A 181 15.23 16.49 -4.46
C VAL A 181 15.43 17.98 -4.35
N GLY A 182 16.48 18.49 -4.99
CA GLY A 182 16.79 19.90 -4.88
C GLY A 182 15.74 20.70 -5.59
N ARG A 183 15.24 20.18 -6.69
CA ARG A 183 14.24 20.90 -7.47
C ARG A 183 12.88 20.93 -6.72
N LEU A 184 12.41 19.78 -6.26
CA LEU A 184 11.16 19.76 -5.48
C LEU A 184 11.27 20.59 -4.20
N SER A 185 12.40 20.49 -3.52
CA SER A 185 12.59 21.23 -2.27
C SER A 185 12.54 22.74 -2.40
N ALA A 186 12.76 23.25 -3.61
CA ALA A 186 12.86 24.69 -3.84
C ALA A 186 11.55 25.27 -4.35
N ARG A 187 10.54 24.41 -4.53
CA ARG A 187 9.20 24.89 -4.82
C ARG A 187 8.85 25.84 -3.67
N PRO A 188 8.41 27.06 -3.98
CA PRO A 188 8.35 28.10 -2.96
C PRO A 188 7.56 27.68 -1.69
N LYS A 189 6.31 27.28 -1.87
CA LYS A 189 5.46 26.91 -0.72
C LYS A 189 6.09 25.77 0.08
N LEU A 190 6.64 24.77 -0.63
CA LEU A 190 7.32 23.66 0.02
C LEU A 190 8.63 24.03 0.70
N LYS A 191 9.44 24.87 0.06
CA LYS A 191 10.67 25.33 0.68
C LYS A 191 10.36 26.04 2.02
N ALA A 192 9.41 26.95 2.00
CA ALA A 192 9.00 27.64 3.26
C ALA A 192 8.55 26.64 4.36
N PHE A 193 7.72 25.67 3.99
CA PHE A 193 7.29 24.67 4.95
C PHE A 193 8.42 23.85 5.55
N LEU A 194 9.34 23.33 4.71
CA LEU A 194 10.45 22.51 5.21
C LEU A 194 11.41 23.27 6.15
N ALA A 195 11.41 24.59 6.00
CA ALA A 195 12.25 25.46 6.82
C ALA A 195 11.52 25.86 8.10
N SER A 196 10.22 25.63 8.13
CA SER A 196 9.39 26.16 9.23
C SER A 196 9.57 25.35 10.50
N PRO A 197 9.38 26.00 11.68
CA PRO A 197 9.46 25.27 12.96
C PRO A 197 8.54 24.05 13.03
N GLU A 198 7.39 24.15 12.41
CA GLU A 198 6.35 23.10 12.39
C GLU A 198 6.89 21.78 11.85
N TYR A 199 7.81 21.91 10.90
CA TYR A 199 8.53 20.77 10.30
C TYR A 199 9.85 20.50 11.00
N VAL A 200 10.71 21.52 11.04
CA VAL A 200 12.08 21.34 11.57
C VAL A 200 12.10 20.86 13.01
N ASN A 201 11.18 21.35 13.85
CA ASN A 201 11.23 21.03 15.27
C ASN A 201 10.55 19.71 15.64
N LEU A 202 10.08 18.95 14.67
CA LEU A 202 9.68 17.58 14.96
C LEU A 202 10.81 16.63 14.60
N PRO A 203 11.01 15.57 15.40
CA PRO A 203 11.95 14.53 15.00
C PRO A 203 11.36 13.65 13.88
N ILE A 204 12.23 12.92 13.20
CA ILE A 204 11.79 12.14 12.05
C ILE A 204 10.96 10.95 12.51
N ASN A 205 11.42 10.27 13.56
CA ASN A 205 10.74 9.11 14.13
C ASN A 205 10.52 9.32 15.63
N GLY A 206 9.87 8.36 16.28
CA GLY A 206 9.47 8.49 17.67
C GLY A 206 10.35 7.72 18.66
N ASN A 207 11.61 7.51 18.31
CA ASN A 207 12.54 6.82 19.19
C ASN A 207 13.94 7.44 19.17
N GLY A 208 14.03 8.62 18.58
CA GLY A 208 15.28 9.36 18.61
C GLY A 208 16.26 8.97 17.53
N LYS A 209 16.06 7.81 16.92
CA LYS A 209 16.96 7.33 15.90
C LYS A 209 16.55 7.87 14.55
N GLN A 210 17.54 8.09 13.71
CA GLN A 210 17.32 8.57 12.36
C GLN A 210 18.53 8.16 11.53
N PRO B 3 -5.38 -7.11 -24.10
CA PRO B 3 -5.75 -8.22 -23.22
C PRO B 3 -4.79 -8.31 -22.04
N TYR B 4 -4.99 -9.32 -21.19
CA TYR B 4 -4.31 -9.37 -19.91
C TYR B 4 -3.30 -10.50 -19.85
N THR B 5 -2.13 -10.20 -19.32
CA THR B 5 -1.15 -11.19 -19.00
C THR B 5 -0.67 -11.09 -17.55
N VAL B 6 -0.67 -12.23 -16.86
CA VAL B 6 -0.13 -12.34 -15.52
C VAL B 6 1.13 -13.19 -15.55
N VAL B 7 2.24 -12.59 -15.10
CA VAL B 7 3.52 -13.29 -15.00
C VAL B 7 3.86 -13.49 -13.53
N TYR B 8 4.04 -14.76 -13.15
CA TYR B 8 4.24 -15.10 -11.76
C TYR B 8 4.66 -16.55 -11.58
N PHE B 9 5.14 -16.87 -10.38
CA PHE B 9 5.49 -18.23 -10.01
C PHE B 9 4.21 -19.10 -9.93
N PRO B 10 4.37 -20.44 -9.98
CA PRO B 10 3.19 -21.29 -9.86
C PRO B 10 2.79 -21.41 -8.40
N VAL B 11 2.43 -20.27 -7.80
CA VAL B 11 1.84 -20.25 -6.47
C VAL B 11 0.66 -19.25 -6.50
N ARG B 12 -0.18 -19.31 -5.49
CA ARG B 12 -1.29 -18.37 -5.38
C ARG B 12 -0.76 -16.99 -4.97
N GLY B 13 -0.14 -16.94 -3.79
CA GLY B 13 0.59 -15.78 -3.32
C GLY B 13 -0.10 -14.44 -3.53
N ARG B 14 0.67 -13.50 -4.05
CA ARG B 14 0.24 -12.15 -4.33
C ARG B 14 -0.63 -11.97 -5.55
N CYS B 15 -0.86 -13.05 -6.32
CA CYS B 15 -1.68 -12.98 -7.50
C CYS B 15 -3.06 -13.54 -7.27
N ALA B 16 -3.27 -14.22 -6.15
CA ALA B 16 -4.54 -14.87 -5.90
C ALA B 16 -5.75 -13.91 -5.96
N ALA B 17 -5.58 -12.74 -5.34
CA ALA B 17 -6.66 -11.79 -5.26
C ALA B 17 -7.00 -11.26 -6.64
N LEU B 18 -6.00 -10.84 -7.39
CA LEU B 18 -6.25 -10.25 -8.69
C LEU B 18 -6.75 -11.30 -9.68
N ARG B 19 -6.41 -12.57 -9.46
CA ARG B 19 -6.98 -13.70 -10.27
C ARG B 19 -8.47 -13.92 -9.98
N MET B 20 -8.80 -13.90 -8.70
CA MET B 20 -10.22 -14.00 -8.29
C MET B 20 -11.01 -12.87 -8.90
N LEU B 21 -10.46 -11.65 -8.87
CA LEU B 21 -11.09 -10.51 -9.51
C LEU B 21 -11.32 -10.75 -11.02
N LEU B 22 -10.29 -11.08 -11.76
CA LEU B 22 -10.39 -11.30 -13.21
C LEU B 22 -11.44 -12.36 -13.52
N ALA B 23 -11.37 -13.48 -12.80
CA ALA B 23 -12.29 -14.59 -13.02
C ALA B 23 -13.72 -14.19 -12.71
N ASP B 24 -13.92 -13.47 -11.60
CA ASP B 24 -15.26 -13.11 -11.17
C ASP B 24 -15.84 -12.01 -12.06
N GLN B 25 -14.98 -11.19 -12.65
CA GLN B 25 -15.46 -10.12 -13.52
C GLN B 25 -15.56 -10.58 -14.97
N GLY B 26 -15.59 -11.91 -15.15
CA GLY B 26 -15.71 -12.51 -16.46
C GLY B 26 -14.61 -12.14 -17.44
N GLN B 27 -13.42 -11.84 -16.94
CA GLN B 27 -12.33 -11.42 -17.81
C GLN B 27 -11.48 -12.62 -18.22
N SER B 28 -10.80 -12.51 -19.35
CA SER B 28 -9.82 -13.52 -19.78
C SER B 28 -8.37 -13.00 -19.64
N TRP B 29 -7.47 -13.91 -19.30
CA TRP B 29 -6.06 -13.58 -19.18
C TRP B 29 -5.15 -14.76 -19.47
N LYS B 30 -3.88 -14.42 -19.72
CA LYS B 30 -2.82 -15.38 -19.98
C LYS B 30 -1.99 -15.49 -18.73
N GLU B 31 -1.75 -16.71 -18.26
CA GLU B 31 -0.71 -16.95 -17.25
C GLU B 31 0.62 -17.28 -17.93
N GLU B 32 1.64 -16.48 -17.62
CA GLU B 32 3.00 -16.81 -17.96
C GLU B 32 3.65 -17.28 -16.67
N VAL B 33 3.84 -18.59 -16.56
CA VAL B 33 4.37 -19.19 -15.35
C VAL B 33 5.89 -19.13 -15.39
N VAL B 34 6.47 -18.47 -14.38
CA VAL B 34 7.91 -18.41 -14.19
C VAL B 34 8.31 -19.46 -13.17
N THR B 35 9.45 -20.11 -13.41
CA THR B 35 9.95 -21.20 -12.58
C THR B 35 10.94 -20.73 -11.51
N TRP B 39 14.42 -17.82 -13.18
CA TRP B 39 14.61 -16.90 -12.07
C TRP B 39 16.02 -17.06 -11.49
N CYS B 48 13.15 -6.66 -14.14
CA CYS B 48 11.98 -6.22 -13.37
C CYS B 48 12.33 -4.89 -12.67
N LEU B 49 11.30 -4.12 -12.28
CA LEU B 49 11.51 -2.79 -11.68
C LEU B 49 12.03 -2.87 -10.23
N TYR B 50 11.41 -3.74 -9.42
CA TYR B 50 11.77 -3.91 -8.01
C TYR B 50 12.35 -5.31 -7.72
N GLY B 51 12.82 -5.96 -8.80
CA GLY B 51 13.29 -7.34 -8.75
C GLY B 51 12.18 -8.30 -8.36
N GLN B 52 10.94 -7.92 -8.67
CA GLN B 52 9.77 -8.64 -8.14
C GLN B 52 8.66 -8.89 -9.14
N LEU B 53 7.90 -9.94 -8.83
CA LEU B 53 6.70 -10.33 -9.54
C LEU B 53 5.54 -10.17 -8.54
N PRO B 54 4.28 -10.16 -9.03
CA PRO B 54 3.88 -10.32 -10.42
C PRO B 54 4.14 -9.10 -11.31
N LYS B 55 4.37 -9.43 -12.57
CA LYS B 55 4.40 -8.47 -13.65
C LYS B 55 3.06 -8.63 -14.36
N PHE B 56 2.47 -7.51 -14.78
CA PHE B 56 1.15 -7.52 -15.37
C PHE B 56 1.13 -6.68 -16.63
N GLN B 57 0.55 -7.21 -17.70
CA GLN B 57 0.44 -6.48 -18.94
C GLN B 57 -1.00 -6.26 -19.34
N ASP B 58 -1.30 -5.02 -19.62
CA ASP B 58 -2.62 -4.59 -20.08
C ASP B 58 -2.31 -3.76 -21.32
N GLY B 59 -2.38 -4.40 -22.49
CA GLY B 59 -1.95 -3.78 -23.72
C GLY B 59 -0.49 -3.38 -23.66
N ASP B 60 -0.20 -2.16 -24.08
CA ASP B 60 1.16 -1.62 -24.05
C ASP B 60 1.59 -1.31 -22.62
N LEU B 61 0.67 -1.35 -21.67
CA LEU B 61 1.00 -0.95 -20.30
C LEU B 61 1.55 -2.11 -19.48
N THR B 62 2.65 -1.84 -18.76
CA THR B 62 3.27 -2.87 -17.93
C THR B 62 3.37 -2.43 -16.46
N LEU B 63 2.73 -3.20 -15.59
CA LEU B 63 2.69 -2.89 -14.17
C LEU B 63 3.38 -3.98 -13.36
N TYR B 64 3.94 -3.54 -12.25
CA TYR B 64 4.44 -4.39 -11.19
C TYR B 64 3.71 -4.03 -9.90
N GLN B 65 3.82 -4.90 -8.91
CA GLN B 65 3.19 -4.72 -7.59
C GLN B 65 1.70 -5.15 -7.61
N SER B 66 1.36 -6.20 -6.86
CA SER B 66 0.00 -6.73 -6.82
C SER B 66 -1.06 -5.67 -6.46
N ASN B 67 -0.77 -4.78 -5.52
CA ASN B 67 -1.78 -3.75 -5.20
C ASN B 67 -1.93 -2.69 -6.28
N THR B 68 -0.87 -2.46 -7.05
CA THR B 68 -0.98 -1.57 -8.19
C THR B 68 -1.89 -2.20 -9.23
N ILE B 69 -1.70 -3.49 -9.47
CA ILE B 69 -2.56 -4.24 -10.40
C ILE B 69 -4.02 -4.23 -9.94
N LEU B 70 -4.26 -4.55 -8.67
CA LEU B 70 -5.62 -4.45 -8.14
C LEU B 70 -6.24 -3.06 -8.34
N ARG B 71 -5.51 -1.99 -8.03
CA ARG B 71 -6.10 -0.64 -8.14
C ARG B 71 -6.39 -0.31 -9.60
N HIS B 72 -5.49 -0.70 -10.49
CA HIS B 72 -5.66 -0.48 -11.91
C HIS B 72 -6.94 -1.12 -12.40
N LEU B 73 -7.10 -2.40 -12.10
CA LEU B 73 -8.29 -3.15 -12.52
C LEU B 73 -9.49 -2.52 -11.82
N GLY B 74 -9.29 -2.10 -10.57
CA GLY B 74 -10.35 -1.43 -9.81
C GLY B 74 -10.84 -0.21 -10.56
N ARG B 75 -9.89 0.56 -11.08
CA ARG B 75 -10.20 1.82 -11.77
C ARG B 75 -10.84 1.53 -13.12
N THR B 76 -10.29 0.58 -13.87
CA THR B 76 -10.75 0.33 -15.23
C THR B 76 -12.04 -0.48 -15.32
N LEU B 77 -12.41 -1.20 -14.26
CA LEU B 77 -13.60 -2.06 -14.27
C LEU B 77 -14.68 -1.57 -13.32
N GLY B 78 -14.43 -0.46 -12.64
CA GLY B 78 -15.47 0.14 -11.80
C GLY B 78 -15.66 -0.63 -10.53
N LEU B 79 -14.55 -0.99 -9.89
CA LEU B 79 -14.54 -1.75 -8.67
C LEU B 79 -13.79 -0.94 -7.64
N TYR B 80 -14.10 0.36 -7.56
CA TYR B 80 -13.34 1.26 -6.69
C TYR B 80 -14.28 2.22 -5.98
N GLY B 81 -15.45 1.73 -5.62
CA GLY B 81 -16.48 2.52 -4.98
C GLY B 81 -17.30 3.40 -5.91
N LYS B 82 -18.40 3.93 -5.38
CA LYS B 82 -19.30 4.77 -6.18
C LYS B 82 -18.84 6.23 -6.30
N ASP B 83 -17.96 6.68 -5.42
CA ASP B 83 -17.50 8.07 -5.44
C ASP B 83 -16.18 8.20 -4.72
N GLN B 84 -15.67 9.41 -4.55
CA GLN B 84 -14.35 9.57 -3.94
C GLN B 84 -14.35 9.16 -2.49
N GLN B 85 -15.42 9.42 -1.75
CA GLN B 85 -15.45 8.99 -0.39
C GLN B 85 -15.32 7.45 -0.24
N GLU B 86 -16.10 6.72 -1.02
CA GLU B 86 -16.01 5.26 -1.01
C GLU B 86 -14.63 4.80 -1.49
N ALA B 87 -14.05 5.48 -2.46
CA ALA B 87 -12.72 5.08 -2.96
C ALA B 87 -11.67 5.12 -1.85
N ALA B 88 -11.77 6.13 -1.00
CA ALA B 88 -10.85 6.25 0.12
C ALA B 88 -11.08 5.15 1.13
N LEU B 89 -12.33 4.76 1.33
CA LEU B 89 -12.63 3.67 2.24
C LEU B 89 -12.15 2.33 1.63
N VAL B 90 -12.30 2.15 0.32
CA VAL B 90 -11.70 0.99 -0.38
C VAL B 90 -10.18 0.87 -0.12
N ASP B 91 -9.48 1.99 -0.27
CA ASP B 91 -8.05 2.06 -0.06
C ASP B 91 -7.76 1.75 1.39
N MET B 92 -8.56 2.27 2.32
CA MET B 92 -8.32 2.00 3.71
C MET B 92 -8.40 0.50 4.04
N VAL B 93 -9.42 -0.16 3.50
CA VAL B 93 -9.57 -1.59 3.66
C VAL B 93 -8.40 -2.33 3.00
N ASN B 94 -8.10 -2.01 1.77
CA ASN B 94 -7.04 -2.72 1.09
C ASN B 94 -5.70 -2.53 1.83
N ASP B 95 -5.43 -1.32 2.35
CA ASP B 95 -4.17 -1.10 3.04
C ASP B 95 -4.13 -1.88 4.31
N GLY B 96 -5.27 -2.02 4.99
CA GLY B 96 -5.35 -2.85 6.18
C GLY B 96 -5.15 -4.32 5.86
N VAL B 97 -5.71 -4.76 4.74
CA VAL B 97 -5.46 -6.13 4.28
C VAL B 97 -3.98 -6.37 4.02
N GLU B 98 -3.32 -5.42 3.38
CA GLU B 98 -1.91 -5.60 3.06
C GLU B 98 -0.97 -5.51 4.26
N ASP B 99 -1.35 -4.73 5.29
CA ASP B 99 -0.58 -4.71 6.53
C ASP B 99 -0.59 -6.10 7.14
N LEU B 100 -1.75 -6.76 7.19
CA LEU B 100 -1.78 -8.11 7.79
C LEU B 100 -1.08 -9.11 6.87
N ARG B 101 -1.29 -8.97 5.57
CA ARG B 101 -0.59 -9.82 4.63
C ARG B 101 0.93 -9.72 4.78
N CYS B 102 1.48 -8.54 5.03
CA CYS B 102 2.95 -8.43 5.20
C CYS B 102 3.37 -9.22 6.45
N LYS B 103 2.57 -9.16 7.51
CA LYS B 103 2.83 -9.97 8.70
C LYS B 103 2.79 -11.48 8.39
N TYR B 104 1.67 -11.92 7.81
CA TYR B 104 1.48 -13.29 7.37
C TYR B 104 2.66 -13.80 6.55
N ILE B 105 3.05 -13.04 5.53
CA ILE B 105 4.17 -13.44 4.66
C ILE B 105 5.49 -13.58 5.45
N SER B 106 5.74 -12.62 6.33
CA SER B 106 6.93 -12.65 7.17
C SER B 106 6.93 -13.88 8.07
N LEU B 107 5.76 -14.27 8.57
CA LEU B 107 5.66 -15.48 9.35
C LEU B 107 6.06 -16.69 8.49
N ILE B 108 5.28 -16.91 7.44
CA ILE B 108 5.52 -17.98 6.48
C ILE B 108 6.99 -18.17 6.10
N TYR B 109 7.70 -17.08 5.78
CA TYR B 109 9.03 -17.19 5.17
C TYR B 109 10.23 -17.02 6.13
N THR B 110 10.04 -16.39 7.29
CA THR B 110 11.17 -16.05 8.17
C THR B 110 11.08 -16.60 9.59
N ASN B 111 9.96 -17.20 9.96
CA ASN B 111 9.77 -17.60 11.35
C ASN B 111 8.54 -18.46 11.60
N TYR B 112 8.22 -19.36 10.69
CA TYR B 112 6.95 -20.07 10.77
C TYR B 112 6.79 -20.82 12.10
N GLU B 113 7.66 -21.80 12.32
CA GLU B 113 7.51 -22.71 13.47
C GLU B 113 7.70 -22.05 14.85
N ALA B 114 8.44 -20.95 14.94
CA ALA B 114 8.69 -20.30 16.24
C ALA B 114 7.81 -19.06 16.48
N GLY B 115 7.08 -18.69 15.44
CA GLY B 115 6.23 -17.51 15.50
C GLY B 115 4.76 -17.88 15.46
N LYS B 116 4.47 -19.05 14.91
CA LYS B 116 3.08 -19.42 14.60
C LYS B 116 2.15 -19.31 15.79
N ASP B 117 2.62 -19.73 16.96
CA ASP B 117 1.77 -19.72 18.14
C ASP B 117 1.29 -18.28 18.41
N ASP B 118 2.23 -17.35 18.58
CA ASP B 118 1.94 -15.95 18.83
C ASP B 118 1.05 -15.31 17.74
N TYR B 119 1.35 -15.65 16.49
CA TYR B 119 0.62 -15.09 15.36
C TYR B 119 -0.87 -15.38 15.51
N VAL B 120 -1.21 -16.64 15.78
CA VAL B 120 -2.60 -17.06 15.84
C VAL B 120 -3.28 -16.52 17.11
N LYS B 121 -2.52 -16.28 18.17
CA LYS B 121 -3.08 -15.69 19.39
C LYS B 121 -3.49 -14.24 19.14
N ALA B 122 -2.68 -13.56 18.33
CA ALA B 122 -2.90 -12.15 18.00
C ALA B 122 -3.91 -12.02 16.87
N LEU B 123 -4.18 -13.11 16.17
CA LEU B 123 -5.00 -13.05 14.96
C LEU B 123 -6.43 -12.51 15.15
N PRO B 124 -7.13 -12.94 16.20
CA PRO B 124 -8.47 -12.35 16.37
C PRO B 124 -8.44 -10.82 16.46
N GLY B 125 -7.44 -10.26 17.14
CA GLY B 125 -7.31 -8.81 17.20
C GLY B 125 -7.07 -8.19 15.82
N GLN B 126 -6.44 -8.94 14.93
CA GLN B 126 -6.15 -8.43 13.58
C GLN B 126 -7.33 -8.55 12.62
N LEU B 127 -8.24 -9.48 12.89
CA LEU B 127 -9.40 -9.68 12.04
C LEU B 127 -10.60 -8.83 12.42
N LYS B 128 -10.73 -8.55 13.71
CA LYS B 128 -11.91 -7.83 14.23
C LYS B 128 -12.22 -6.51 13.50
N PRO B 129 -11.19 -5.73 13.12
CA PRO B 129 -11.54 -4.49 12.43
C PRO B 129 -12.36 -4.70 11.16
N PHE B 130 -12.18 -5.82 10.47
CA PHE B 130 -12.96 -6.08 9.26
C PHE B 130 -14.39 -6.49 9.58
N GLU B 131 -14.58 -7.25 10.66
CA GLU B 131 -15.94 -7.58 11.13
C GLU B 131 -16.71 -6.30 11.48
N THR B 132 -16.01 -5.43 12.21
CA THR B 132 -16.51 -4.10 12.58
C THR B 132 -16.90 -3.27 11.34
N LEU B 133 -16.03 -3.21 10.33
CA LEU B 133 -16.41 -2.51 9.09
C LEU B 133 -17.65 -3.10 8.44
N LEU B 134 -17.72 -4.43 8.35
CA LEU B 134 -18.93 -5.05 7.81
C LEU B 134 -20.10 -4.64 8.69
N SER B 135 -19.92 -4.72 9.99
CA SER B 135 -21.03 -4.39 10.91
C SER B 135 -21.57 -2.98 10.68
N GLN B 136 -20.71 -2.07 10.21
CA GLN B 136 -21.12 -0.68 9.99
C GLN B 136 -21.57 -0.40 8.58
N ASN B 137 -21.65 -1.43 7.75
CA ASN B 137 -22.07 -1.25 6.36
C ASN B 137 -23.21 -2.20 5.97
N GLN B 138 -24.42 -1.68 6.06
CA GLN B 138 -25.63 -2.43 5.72
C GLN B 138 -25.67 -3.78 6.41
N GLY B 139 -25.16 -3.82 7.64
CA GLY B 139 -25.24 -5.01 8.47
C GLY B 139 -24.41 -6.18 7.97
N GLY B 140 -23.39 -5.87 7.19
CA GLY B 140 -22.47 -6.86 6.68
C GLY B 140 -23.05 -7.75 5.60
N LYS B 141 -24.13 -7.28 4.97
CA LYS B 141 -24.89 -8.09 4.03
C LYS B 141 -24.50 -7.86 2.60
N THR B 142 -23.59 -6.93 2.33
CA THR B 142 -23.22 -6.62 0.98
C THR B 142 -21.71 -6.81 0.78
N PHE B 143 -20.99 -5.72 0.78
CA PHE B 143 -19.55 -5.79 0.54
C PHE B 143 -18.84 -5.03 1.62
N ILE B 144 -17.52 -5.03 1.53
CA ILE B 144 -16.73 -4.43 2.59
C ILE B 144 -16.89 -2.89 2.61
N VAL B 145 -17.13 -2.30 1.43
CA VAL B 145 -17.41 -0.88 1.32
C VAL B 145 -18.55 -0.68 0.33
N GLY B 146 -19.56 0.05 0.77
CA GLY B 146 -20.74 0.36 -0.04
C GLY B 146 -21.55 -0.85 -0.48
N ASP B 147 -22.20 -0.70 -1.63
CA ASP B 147 -23.22 -1.61 -2.15
C ASP B 147 -22.74 -2.41 -3.35
N GLN B 148 -21.50 -2.17 -3.79
CA GLN B 148 -20.91 -2.84 -4.94
C GLN B 148 -19.58 -3.47 -4.52
N ILE B 149 -19.22 -4.56 -5.19
CA ILE B 149 -17.95 -5.21 -4.92
C ILE B 149 -16.83 -4.30 -5.38
N SER B 150 -15.71 -4.32 -4.67
CA SER B 150 -14.56 -3.50 -5.03
C SER B 150 -13.33 -4.40 -5.01
N PHE B 151 -12.17 -3.87 -5.45
CA PHE B 151 -10.99 -4.74 -5.58
C PHE B 151 -10.60 -5.15 -4.19
N ALA B 152 -10.93 -4.32 -3.20
CA ALA B 152 -10.67 -4.64 -1.80
C ALA B 152 -11.42 -5.91 -1.33
N ASP B 153 -12.58 -6.20 -1.87
CA ASP B 153 -13.32 -7.41 -1.46
C ASP B 153 -12.50 -8.65 -1.87
N TYR B 154 -11.93 -8.59 -3.05
CA TYR B 154 -11.23 -9.80 -3.53
C TYR B 154 -9.97 -10.04 -2.70
N ASN B 155 -9.26 -8.95 -2.37
CA ASN B 155 -8.07 -9.02 -1.53
C ASN B 155 -8.40 -9.47 -0.11
N LEU B 156 -9.44 -8.90 0.48
CA LEU B 156 -9.83 -9.31 1.83
C LEU B 156 -10.27 -10.79 1.80
N LEU B 157 -11.05 -11.17 0.80
CA LEU B 157 -11.45 -12.58 0.71
C LEU B 157 -10.23 -13.49 0.69
N ASP B 158 -9.22 -13.16 -0.11
CA ASP B 158 -8.04 -14.01 -0.14
C ASP B 158 -7.33 -14.08 1.19
N LEU B 159 -7.25 -12.95 1.89
CA LEU B 159 -6.62 -12.89 3.19
C LEU B 159 -7.30 -13.85 4.15
N LEU B 160 -8.62 -13.84 4.06
CA LEU B 160 -9.47 -14.63 4.94
C LEU B 160 -9.37 -16.14 4.60
N LEU B 161 -9.25 -16.44 3.32
CA LEU B 161 -9.13 -17.85 2.92
C LEU B 161 -7.81 -18.44 3.40
N ILE B 162 -6.71 -17.72 3.19
CA ILE B 162 -5.40 -18.21 3.63
C ILE B 162 -5.27 -18.25 5.15
N HIS B 163 -5.98 -17.36 5.83
CA HIS B 163 -5.99 -17.42 7.27
C HIS B 163 -6.87 -18.58 7.80
N GLU B 164 -7.92 -18.97 7.09
CA GLU B 164 -8.65 -20.17 7.50
C GLU B 164 -7.76 -21.43 7.35
N VAL B 165 -6.80 -21.42 6.42
CA VAL B 165 -5.85 -22.52 6.30
C VAL B 165 -4.79 -22.48 7.40
N LEU B 166 -4.34 -21.28 7.79
CA LEU B 166 -3.27 -21.14 8.80
C LEU B 166 -3.79 -21.48 10.19
N ALA B 167 -5.06 -21.15 10.40
CA ALA B 167 -5.68 -21.22 11.72
C ALA B 167 -7.16 -21.48 11.54
N PRO B 168 -7.52 -22.73 11.20
CA PRO B 168 -8.91 -23.11 10.94
C PRO B 168 -9.83 -22.73 12.09
N GLY B 169 -11.03 -22.30 11.76
CA GLY B 169 -11.92 -21.72 12.75
C GLY B 169 -11.62 -20.28 13.12
N CYS B 170 -10.59 -19.66 12.53
CA CYS B 170 -10.26 -18.28 12.94
C CYS B 170 -11.43 -17.31 12.73
N LEU B 171 -12.41 -17.69 11.93
CA LEU B 171 -13.58 -16.85 11.69
C LEU B 171 -14.84 -17.23 12.47
N ASP B 172 -14.77 -18.28 13.29
CA ASP B 172 -16.01 -18.76 13.94
C ASP B 172 -16.54 -17.66 14.85
N ALA B 173 -15.66 -16.85 15.41
CA ALA B 173 -16.09 -15.80 16.34
C ALA B 173 -16.65 -14.58 15.60
N PHE B 174 -16.69 -14.61 14.27
CA PHE B 174 -16.99 -13.41 13.50
C PHE B 174 -18.04 -13.74 12.48
N PRO B 175 -19.32 -13.66 12.88
CA PRO B 175 -20.39 -14.11 11.98
C PRO B 175 -20.50 -13.34 10.66
N LEU B 176 -20.23 -12.05 10.65
CA LEU B 176 -20.38 -11.29 9.40
C LEU B 176 -19.28 -11.68 8.40
N LEU B 177 -18.06 -11.84 8.90
CA LEU B 177 -16.95 -12.23 8.04
C LEU B 177 -17.16 -13.68 7.56
N SER B 178 -17.70 -14.53 8.43
CA SER B 178 -17.96 -15.92 8.03
C SER B 178 -18.97 -15.96 6.89
N ALA B 179 -20.11 -15.27 7.07
CA ALA B 179 -21.12 -15.20 6.01
C ALA B 179 -20.60 -14.55 4.73
N TYR B 180 -19.74 -13.55 4.90
CA TYR B 180 -19.12 -12.83 3.78
C TYR B 180 -18.25 -13.76 2.92
N VAL B 181 -17.42 -14.57 3.54
CA VAL B 181 -16.60 -15.51 2.77
C VAL B 181 -17.52 -16.47 2.00
N GLY B 182 -18.56 -16.97 2.66
CA GLY B 182 -19.51 -17.87 2.02
C GLY B 182 -20.23 -17.25 0.84
N ARG B 183 -20.77 -16.07 1.05
CA ARG B 183 -21.48 -15.31 0.00
C ARG B 183 -20.57 -15.04 -1.19
N LEU B 184 -19.40 -14.45 -0.93
CA LEU B 184 -18.52 -14.09 -2.04
C LEU B 184 -18.03 -15.35 -2.77
N SER B 185 -17.68 -16.38 -2.01
CA SER B 185 -17.17 -17.63 -2.57
C SER B 185 -18.20 -18.39 -3.42
N ALA B 186 -19.46 -18.07 -3.22
CA ALA B 186 -20.58 -18.69 -3.92
C ALA B 186 -20.96 -17.94 -5.20
N ARG B 187 -20.37 -16.77 -5.42
CA ARG B 187 -20.62 -16.05 -6.66
C ARG B 187 -20.24 -16.97 -7.84
N PRO B 188 -21.11 -17.11 -8.85
CA PRO B 188 -20.91 -18.20 -9.82
C PRO B 188 -19.49 -18.33 -10.41
N LYS B 189 -18.97 -17.26 -11.04
CA LYS B 189 -17.69 -17.35 -11.73
C LYS B 189 -16.56 -17.56 -10.75
N LEU B 190 -16.72 -16.97 -9.57
CA LEU B 190 -15.69 -17.10 -8.56
C LEU B 190 -15.73 -18.50 -8.00
N LYS B 191 -16.94 -19.02 -7.77
CA LYS B 191 -17.12 -20.38 -7.28
C LYS B 191 -16.39 -21.37 -8.22
N ALA B 192 -16.68 -21.27 -9.51
CA ALA B 192 -16.02 -22.11 -10.56
C ALA B 192 -14.50 -21.96 -10.54
N PHE B 193 -14.01 -20.72 -10.43
CA PHE B 193 -12.58 -20.50 -10.40
C PHE B 193 -11.96 -21.10 -9.15
N LEU B 194 -12.55 -20.87 -7.98
CA LEU B 194 -12.02 -21.43 -6.74
C LEU B 194 -11.97 -22.96 -6.72
N ALA B 195 -12.87 -23.60 -7.42
CA ALA B 195 -12.86 -25.06 -7.49
C ALA B 195 -11.91 -25.61 -8.58
N SER B 196 -11.40 -24.72 -9.43
CA SER B 196 -10.64 -25.14 -10.61
C SER B 196 -9.22 -25.61 -10.30
N PRO B 197 -8.65 -26.52 -11.14
CA PRO B 197 -7.27 -26.99 -10.83
C PRO B 197 -6.24 -25.88 -10.86
N GLU B 198 -6.51 -24.90 -11.72
CA GLU B 198 -5.67 -23.73 -11.85
C GLU B 198 -5.46 -22.96 -10.52
N TYR B 199 -6.43 -23.09 -9.62
CA TYR B 199 -6.34 -22.54 -8.27
C TYR B 199 -6.01 -23.64 -7.24
N VAL B 200 -6.83 -24.69 -7.21
CA VAL B 200 -6.70 -25.77 -6.21
C VAL B 200 -5.30 -26.38 -6.21
N ASN B 201 -4.75 -26.62 -7.40
CA ASN B 201 -3.50 -27.35 -7.52
C ASN B 201 -2.28 -26.46 -7.47
N LEU B 202 -2.45 -25.19 -7.10
CA LEU B 202 -1.29 -24.36 -6.79
C LEU B 202 -1.16 -24.28 -5.26
N PRO B 203 0.07 -24.25 -4.76
CA PRO B 203 0.28 -24.04 -3.33
C PRO B 203 -0.01 -22.57 -3.01
N ILE B 204 -0.39 -22.29 -1.76
CA ILE B 204 -0.63 -20.92 -1.35
C ILE B 204 0.66 -20.09 -1.45
N ASN B 205 1.71 -20.56 -0.77
CA ASN B 205 3.00 -19.93 -0.80
C ASN B 205 4.05 -20.77 -1.56
N GLY B 206 5.30 -20.33 -1.53
CA GLY B 206 6.36 -20.93 -2.33
C GLY B 206 7.17 -21.98 -1.58
N ASN B 207 7.38 -21.75 -0.29
CA ASN B 207 8.20 -22.63 0.55
C ASN B 207 7.41 -23.82 1.14
N GLY B 208 6.25 -24.11 0.55
CA GLY B 208 5.43 -25.22 0.99
C GLY B 208 4.80 -25.09 2.37
N LYS B 209 4.94 -23.91 3.00
CA LYS B 209 4.35 -23.66 4.31
C LYS B 209 3.02 -22.91 4.14
N GLN B 210 2.07 -23.19 5.02
CA GLN B 210 0.74 -22.62 4.97
C GLN B 210 0.06 -22.77 6.32
O1 MES C . -0.46 23.54 11.82
C2 MES C . 0.17 24.84 11.88
C3 MES C . -0.07 25.70 10.65
N4 MES C . 0.15 24.88 9.45
C5 MES C . -0.78 23.75 9.33
C6 MES C . -1.33 23.35 10.72
C7 MES C . 0.25 25.68 8.23
C8 MES C . 1.12 24.94 7.20
S MES C . 1.60 26.03 6.04
O1S MES C . 2.95 26.49 6.42
O2S MES C . 1.63 25.41 4.68
O3S MES C . 0.64 27.17 6.00
H21 MES C . 1.25 24.69 12.01
H22 MES C . -0.19 25.37 12.77
H31 MES C . 0.62 26.54 10.65
H32 MES C . -1.08 26.10 10.66
HN4 MES C . 1.06 24.45 9.57
H51 MES C . -1.61 24.03 8.68
H52 MES C . -0.27 22.90 8.88
H61 MES C . -1.57 22.29 10.68
H62 MES C . -2.27 23.89 10.89
H71 MES C . -0.75 25.86 7.83
H72 MES C . 0.70 26.65 8.48
H81 MES C . 0.54 24.13 6.75
H82 MES C . 1.99 24.51 7.69
PT PT D . 5.69 -4.51 5.45
PT PT E . 5.60 -1.82 7.68
O1 MES F . -5.40 -19.53 -17.91
C2 MES F . -5.54 -18.33 -17.15
C3 MES F . -6.98 -17.95 -16.79
N4 MES F . -8.00 -19.01 -16.96
C5 MES F . -7.60 -20.28 -17.54
C6 MES F . -6.58 -19.89 -18.59
C7 MES F . -9.02 -19.08 -15.92
C8 MES F . -10.27 -18.54 -16.62
S MES F . -11.65 -18.81 -15.75
O1S MES F . -12.67 -19.28 -16.70
O2S MES F . -11.51 -19.83 -14.66
O3S MES F . -12.14 -17.50 -15.23
H21 MES F . -4.97 -18.45 -16.22
H22 MES F . -5.07 -17.50 -17.68
H31 MES F . -7.01 -17.61 -15.76
H32 MES F . -7.28 -17.10 -17.41
HN4 MES F . -8.54 -18.62 -17.71
H51 MES F . -7.16 -20.94 -16.79
H52 MES F . -8.45 -20.77 -18.00
H61 MES F . -6.40 -20.74 -19.26
H62 MES F . -6.95 -19.06 -19.19
H71 MES F . -8.76 -18.46 -15.06
H72 MES F . -9.17 -20.12 -15.60
H81 MES F . -10.14 -17.47 -16.79
H82 MES F . -10.36 -19.02 -17.60
PT PT G . 5.63 -7.18 3.19
#